data_5A9A
#
_entry.id   5A9A
#
_cell.length_a   103.360
_cell.length_b   103.360
_cell.length_c   103.360
_cell.angle_alpha   90.00
_cell.angle_beta   90.00
_cell.angle_gamma   90.00
#
_symmetry.space_group_name_H-M   'I 2 3'
#
loop_
_entity.id
_entity.type
_entity.pdbx_description
1 polymer POLYHEDRIN
2 non-polymer "URIDINE 5'-TRIPHOSPHATE"
3 water water
#
_entity_poly.entity_id   1
_entity_poly.type   'polypeptide(L)'
_entity_poly.pdbx_seq_one_letter_code
;(ACE)SNQPFNQPNVLQERQHLVNRQLVQGPNVQDAIKRVAIIFIYKNGSYRLIDYNAPEFINGYFNWRDMLYMDKPAHS
NRHKEFENQIRRPDHGDSHHPELFEYPVAIMISANGNICWENVRVEVENEDCLNHEDWRRARAWGPRCYKGSQMMKCSAL
GRFLYIPLRCQNESLKFKFPSRMSGGDNRYSSHSIGQVIQNNIIIRNNPLYLDNEGDLIDYMQAKNLCYIDSAAVVDCNG
LAGDSEC
;
_entity_poly.pdbx_strand_id   A
#
# COMPACT_ATOMS: atom_id res chain seq x y z
N SER A 2 -63.87 5.34 5.98
CA SER A 2 -62.61 5.08 6.70
C SER A 2 -61.45 5.87 6.09
N ASN A 3 -60.31 5.81 6.76
CA ASN A 3 -59.14 6.58 6.35
C ASN A 3 -57.85 5.89 6.77
N GLN A 4 -56.83 5.98 5.92
CA GLN A 4 -55.55 5.32 6.20
C GLN A 4 -54.42 6.34 6.25
N PRO A 5 -54.25 7.01 7.40
CA PRO A 5 -53.25 8.08 7.55
C PRO A 5 -51.85 7.58 7.94
N PHE A 6 -51.69 6.28 8.11
CA PHE A 6 -50.40 5.72 8.48
C PHE A 6 -49.64 5.27 7.24
N ASN A 7 -49.28 6.24 6.42
CA ASN A 7 -48.54 5.99 5.19
C ASN A 7 -47.26 6.83 5.16
N GLN A 8 -46.64 6.99 6.34
CA GLN A 8 -45.36 7.68 6.42
C GLN A 8 -44.39 7.01 5.46
N PRO A 9 -43.84 7.78 4.51
CA PRO A 9 -42.86 7.22 3.58
C PRO A 9 -41.65 6.63 4.29
N ASN A 10 -41.01 5.64 3.67
CA ASN A 10 -39.81 5.03 4.23
C ASN A 10 -38.70 4.93 3.20
N VAL A 11 -38.67 5.91 2.30
CA VAL A 11 -37.66 5.96 1.25
C VAL A 11 -36.34 6.49 1.81
N LEU A 12 -36.43 7.36 2.81
CA LEU A 12 -35.24 7.97 3.39
C LEU A 12 -34.27 6.92 3.91
N GLN A 13 -34.78 5.97 4.69
CA GLN A 13 -33.97 4.87 5.20
C GLN A 13 -33.22 4.22 4.05
N GLU A 14 -33.91 4.04 2.93
CA GLU A 14 -33.38 3.30 1.80
C GLU A 14 -32.33 4.13 1.06
N ARG A 15 -32.57 5.43 0.96
CA ARG A 15 -31.63 6.32 0.31
C ARG A 15 -30.29 6.32 1.05
N GLN A 16 -30.34 6.45 2.37
CA GLN A 16 -29.12 6.40 3.18
C GLN A 16 -28.46 5.05 3.03
N HIS A 17 -29.27 4.00 3.03
CA HIS A 17 -28.78 2.64 2.91
C HIS A 17 -27.99 2.43 1.62
N LEU A 18 -28.47 3.00 0.52
CA LEU A 18 -27.79 2.86 -0.76
C LEU A 18 -26.50 3.68 -0.78
N VAL A 19 -26.50 4.82 -0.10
CA VAL A 19 -25.30 5.61 0.06
C VAL A 19 -24.24 4.77 0.80
N ASN A 20 -24.69 4.06 1.84
CA ASN A 20 -23.80 3.17 2.58
C ASN A 20 -23.26 2.04 1.71
N ARG A 21 -24.15 1.39 0.94
CA ARG A 21 -23.74 0.31 0.07
C ARG A 21 -22.84 0.82 -1.04
N GLN A 22 -23.13 2.03 -1.52
CA GLN A 22 -22.37 2.67 -2.58
C GLN A 22 -20.88 2.75 -2.23
N LEU A 23 -20.58 3.08 -0.98
CA LEU A 23 -19.19 3.21 -0.55
C LEU A 23 -18.50 1.85 -0.49
N VAL A 24 -19.28 0.81 -0.24
CA VAL A 24 -18.73 -0.55 -0.17
C VAL A 24 -18.65 -1.21 -1.54
N GLN A 25 -19.60 -0.88 -2.42
CA GLN A 25 -19.66 -1.49 -3.75
C GLN A 25 -19.04 -0.60 -4.82
N GLY A 26 -18.94 0.70 -4.53
CA GLY A 26 -18.35 1.64 -5.46
C GLY A 26 -16.99 1.19 -5.98
N PRO A 27 -16.13 0.70 -5.09
CA PRO A 27 -14.80 0.22 -5.49
C PRO A 27 -14.82 -0.97 -6.46
N ASN A 28 -15.96 -1.64 -6.59
CA ASN A 28 -16.02 -2.86 -7.39
C ASN A 28 -16.48 -2.65 -8.84
N VAL A 29 -16.84 -1.42 -9.19
CA VAL A 29 -17.13 -1.08 -10.57
C VAL A 29 -15.82 -1.11 -11.35
N GLN A 30 -15.85 -1.65 -12.57
CA GLN A 30 -14.64 -1.69 -13.38
C GLN A 30 -14.14 -0.26 -13.64
N ASP A 31 -12.83 -0.10 -13.51
CA ASP A 31 -12.18 1.21 -13.60
C ASP A 31 -12.43 2.09 -12.37
N ALA A 32 -12.93 1.48 -11.30
CA ALA A 32 -12.96 2.16 -10.01
C ALA A 32 -11.51 2.26 -9.51
N ILE A 33 -11.24 3.24 -8.67
CA ILE A 33 -9.89 3.44 -8.16
C ILE A 33 -9.53 2.44 -7.07
N LYS A 34 -8.28 1.99 -7.10
CA LYS A 34 -7.70 1.22 -6.01
C LYS A 34 -6.70 2.11 -5.29
N ARG A 35 -6.54 1.93 -3.99
CA ARG A 35 -5.69 2.82 -3.21
C ARG A 35 -4.80 2.05 -2.22
N VAL A 36 -3.50 2.33 -2.30
CA VAL A 36 -2.51 1.67 -1.47
C VAL A 36 -1.67 2.69 -0.73
N ALA A 37 -1.52 2.49 0.57
CA ALA A 37 -0.61 3.32 1.37
C ALA A 37 0.59 2.51 1.81
N ILE A 38 1.78 2.91 1.36
CA ILE A 38 3.02 2.35 1.85
C ILE A 38 3.51 3.22 2.98
N ILE A 39 3.66 2.63 4.18
CA ILE A 39 4.04 3.38 5.36
C ILE A 39 5.33 2.83 5.97
N PHE A 40 6.36 3.66 6.03
CA PHE A 40 7.62 3.28 6.66
C PHE A 40 7.67 3.80 8.09
N ILE A 41 8.23 2.99 8.99
CA ILE A 41 8.46 3.40 10.37
C ILE A 41 9.94 3.63 10.58
N TYR A 42 10.29 4.69 11.30
CA TYR A 42 11.70 5.07 11.46
C TYR A 42 12.17 5.04 12.91
N LYS A 43 13.47 5.22 13.09
CA LYS A 43 14.10 5.11 14.39
C LYS A 43 13.73 6.25 15.34
N ASN A 44 13.08 7.27 14.80
CA ASN A 44 12.55 8.35 15.64
C ASN A 44 11.09 8.11 16.01
N GLY A 45 10.58 6.94 15.63
CA GLY A 45 9.24 6.54 16.00
C GLY A 45 8.16 7.17 15.14
N SER A 46 8.56 7.88 14.10
CA SER A 46 7.60 8.56 13.23
C SER A 46 7.48 7.85 11.89
N TYR A 47 6.55 8.33 11.07
CA TYR A 47 6.17 7.63 9.85
C TYR A 47 6.37 8.47 8.60
N ARG A 48 6.61 7.79 7.48
CA ARG A 48 6.58 8.41 6.16
C ARG A 48 5.62 7.60 5.30
N LEU A 49 4.57 8.25 4.82
CA LEU A 49 3.48 7.56 4.13
C LEU A 49 3.41 7.96 2.66
N ILE A 50 3.41 6.98 1.77
CA ILE A 50 3.30 7.23 0.35
C ILE A 50 2.00 6.67 -0.19
N ASP A 51 1.18 7.56 -0.73
CA ASP A 51 -0.19 7.24 -1.12
C ASP A 51 -0.28 7.01 -2.63
N TYR A 52 -0.72 5.81 -3.02
CA TYR A 52 -0.84 5.44 -4.42
C TYR A 52 -2.30 5.25 -4.81
N ASN A 53 -2.64 5.58 -6.04
CA ASN A 53 -3.95 5.20 -6.59
C ASN A 53 -3.87 4.91 -8.09
N ALA A 54 -4.69 3.97 -8.54
CA ALA A 54 -4.76 3.62 -9.96
C ALA A 54 -6.02 2.80 -10.21
N PRO A 55 -6.53 2.83 -11.45
CA PRO A 55 -7.76 2.11 -11.77
C PRO A 55 -7.55 0.68 -12.30
N GLU A 56 -6.35 0.34 -12.76
CA GLU A 56 -6.11 -1.00 -13.27
C GLU A 56 -5.20 -1.82 -12.34
N PHE A 57 -4.03 -1.28 -12.02
CA PHE A 57 -3.13 -1.93 -11.08
C PHE A 57 -2.12 -0.96 -10.49
N ILE A 58 -1.80 -1.14 -9.21
CA ILE A 58 -0.76 -0.36 -8.57
C ILE A 58 0.48 -1.22 -8.39
N ASN A 59 1.47 -1.00 -9.25
CA ASN A 59 2.79 -1.58 -9.03
C ASN A 59 3.81 -0.46 -8.95
N GLY A 60 5.01 -0.82 -8.53
CA GLY A 60 6.06 0.16 -8.33
C GLY A 60 7.13 -0.41 -7.42
N TYR A 61 8.04 0.44 -6.98
CA TYR A 61 9.16 -0.01 -6.18
C TYR A 61 9.74 1.12 -5.36
N PHE A 62 10.56 0.75 -4.38
CA PHE A 62 11.44 1.67 -3.71
C PHE A 62 12.83 1.10 -3.83
N ASN A 63 13.72 1.76 -4.56
CA ASN A 63 15.11 1.33 -4.57
C ASN A 63 15.70 1.64 -3.21
N TRP A 64 16.94 1.22 -2.96
CA TRP A 64 17.50 1.37 -1.62
C TRP A 64 17.42 2.81 -1.15
N ARG A 65 17.84 3.74 -2.01
CA ARG A 65 17.84 5.15 -1.66
C ARG A 65 16.44 5.66 -1.33
N ASP A 66 15.45 5.13 -2.03
CA ASP A 66 14.06 5.55 -1.84
C ASP A 66 13.53 5.18 -0.45
N MET A 67 14.26 4.33 0.26
CA MET A 67 13.81 3.86 1.57
C MET A 67 14.04 4.91 2.65
N LEU A 68 14.98 5.81 2.41
CA LEU A 68 15.43 6.74 3.45
C LEU A 68 14.38 7.78 3.84
N TYR A 69 14.48 8.26 5.07
CA TYR A 69 13.51 9.16 5.69
C TYR A 69 13.33 10.47 4.91
N MET A 70 14.42 11.18 4.67
CA MET A 70 14.34 12.49 4.03
C MET A 70 15.41 12.68 2.95
N ASP A 71 16.67 12.42 3.32
CA ASP A 71 17.76 12.52 2.37
C ASP A 71 17.94 13.97 1.92
N LYS A 72 18.12 14.87 2.89
CA LYS A 72 18.33 16.29 2.61
C LYS A 72 19.75 16.53 2.11
N PRO A 73 19.97 17.67 1.42
CA PRO A 73 21.30 18.04 0.93
C PRO A 73 22.37 17.98 2.02
N ALA A 74 22.02 18.35 3.24
CA ALA A 74 22.99 18.35 4.34
C ALA A 74 23.49 16.93 4.66
N HIS A 75 22.69 15.93 4.30
CA HIS A 75 23.03 14.55 4.61
C HIS A 75 23.29 13.72 3.34
N SER A 76 23.42 14.40 2.22
CA SER A 76 23.58 13.73 0.93
C SER A 76 24.88 12.92 0.88
N ASN A 77 25.95 13.49 1.41
CA ASN A 77 27.26 12.84 1.36
C ASN A 77 27.26 11.58 2.22
N ARG A 78 26.73 11.71 3.43
CA ARG A 78 26.59 10.57 4.33
C ARG A 78 25.78 9.45 3.67
N HIS A 79 24.70 9.83 3.01
CA HIS A 79 23.80 8.84 2.41
C HIS A 79 24.42 8.23 1.15
N LYS A 80 25.16 9.03 0.40
CA LYS A 80 25.88 8.51 -0.76
C LYS A 80 26.90 7.45 -0.35
N GLU A 81 27.68 7.75 0.68
CA GLU A 81 28.74 6.85 1.12
C GLU A 81 28.17 5.57 1.71
N PHE A 82 27.08 5.70 2.46
CA PHE A 82 26.43 4.52 3.03
C PHE A 82 25.91 3.66 1.88
N GLU A 83 25.31 4.30 0.87
CA GLU A 83 24.80 3.56 -0.28
C GLU A 83 25.93 2.83 -1.00
N ASN A 84 27.08 3.49 -1.14
CA ASN A 84 28.25 2.85 -1.74
C ASN A 84 28.62 1.57 -1.01
N GLN A 85 28.77 1.67 0.30
CA GLN A 85 29.18 0.53 1.10
C GLN A 85 28.17 -0.61 1.01
N ILE A 86 26.88 -0.26 0.97
CA ILE A 86 25.83 -1.26 0.90
C ILE A 86 25.75 -1.93 -0.47
N ARG A 87 25.76 -1.12 -1.53
CA ARG A 87 25.54 -1.63 -2.89
C ARG A 87 26.84 -1.97 -3.62
N ARG A 88 27.98 -1.58 -3.04
CA ARG A 88 29.26 -1.92 -3.63
C ARG A 88 30.37 -1.88 -2.58
N PRO A 89 30.35 -2.84 -1.64
CA PRO A 89 31.39 -2.98 -0.63
C PRO A 89 32.73 -3.30 -1.28
N ASP A 90 33.85 -2.76 -0.78
CA ASP A 90 33.86 -1.83 0.34
C ASP A 90 34.25 -0.43 -0.15
N HIS A 91 33.41 0.17 -0.98
CA HIS A 91 33.78 1.41 -1.66
C HIS A 91 33.13 2.67 -1.10
N GLY A 92 32.57 2.57 0.10
CA GLY A 92 31.95 3.73 0.72
C GLY A 92 32.76 4.26 1.89
N ASP A 93 33.02 5.57 1.87
CA ASP A 93 33.64 6.23 3.01
C ASP A 93 32.58 6.42 4.09
N SER A 94 32.13 5.30 4.64
CA SER A 94 31.03 5.26 5.60
C SER A 94 31.51 4.63 6.90
N HIS A 95 31.19 5.26 8.02
CA HIS A 95 31.83 4.90 9.29
C HIS A 95 30.90 4.33 10.35
N HIS A 96 29.65 4.08 10.01
CA HIS A 96 28.70 3.53 11.00
C HIS A 96 27.93 2.36 10.43
N PRO A 97 27.66 1.33 11.26
CA PRO A 97 26.92 0.17 10.77
C PRO A 97 25.52 0.50 10.26
N GLU A 98 24.84 1.45 10.89
CA GLU A 98 23.47 1.78 10.48
C GLU A 98 23.24 3.28 10.32
N LEU A 99 22.26 3.61 9.46
CA LEU A 99 21.84 5.00 9.29
C LEU A 99 20.65 5.28 10.22
N PHE A 100 20.67 6.46 10.83
CA PHE A 100 19.51 6.94 11.57
C PHE A 100 18.25 6.94 10.68
N GLU A 101 18.44 7.19 9.39
CA GLU A 101 17.30 7.44 8.50
C GLU A 101 16.81 6.24 7.68
N TYR A 102 17.35 5.06 7.93
CA TYR A 102 16.83 3.88 7.27
C TYR A 102 15.74 3.27 8.14
N PRO A 103 14.59 2.92 7.52
CA PRO A 103 13.42 2.50 8.31
C PRO A 103 13.61 1.18 9.04
N VAL A 104 12.76 0.94 10.04
CA VAL A 104 12.83 -0.28 10.83
C VAL A 104 11.70 -1.24 10.48
N ALA A 105 10.73 -0.76 9.71
CA ALA A 105 9.59 -1.59 9.34
C ALA A 105 8.76 -0.94 8.25
N ILE A 106 7.95 -1.74 7.57
CA ILE A 106 7.02 -1.25 6.56
C ILE A 106 5.61 -1.73 6.88
N MET A 107 4.63 -0.85 6.69
CA MET A 107 3.24 -1.24 6.78
C MET A 107 2.57 -0.92 5.45
N ILE A 108 1.80 -1.87 4.92
CA ILE A 108 1.12 -1.65 3.65
C ILE A 108 -0.38 -1.86 3.79
N SER A 109 -1.13 -0.79 3.53
CA SER A 109 -2.58 -0.84 3.52
C SER A 109 -3.06 -0.87 2.08
N ALA A 110 -3.57 -2.02 1.64
CA ALA A 110 -4.05 -2.17 0.27
C ALA A 110 -5.57 -2.21 0.26
N ASN A 111 -6.19 -1.35 -0.54
CA ASN A 111 -7.63 -1.19 -0.51
C ASN A 111 -8.26 -1.13 -1.90
N GLY A 112 -9.40 -1.82 -2.04
CA GLY A 112 -10.15 -1.80 -3.27
C GLY A 112 -10.42 -3.18 -3.83
N ASN A 113 -10.96 -3.21 -5.04
CA ASN A 113 -11.30 -4.44 -5.74
C ASN A 113 -10.03 -5.10 -6.28
N ILE A 114 -9.26 -5.72 -5.40
CA ILE A 114 -7.94 -6.24 -5.74
C ILE A 114 -7.93 -7.77 -5.85
N CYS A 115 -7.26 -8.27 -6.89
CA CYS A 115 -7.10 -9.71 -7.07
C CYS A 115 -6.01 -10.21 -6.12
N TRP A 116 -6.42 -10.56 -4.91
CA TRP A 116 -5.48 -10.88 -3.84
C TRP A 116 -4.57 -12.05 -4.22
N GLU A 117 -5.11 -12.97 -5.02
CA GLU A 117 -4.34 -14.10 -5.53
C GLU A 117 -3.11 -13.65 -6.31
N ASN A 118 -3.22 -12.51 -7.00
CA ASN A 118 -2.15 -12.04 -7.87
C ASN A 118 -1.30 -10.93 -7.26
N VAL A 119 -1.59 -10.57 -6.01
CA VAL A 119 -0.81 -9.59 -5.30
C VAL A 119 0.60 -10.11 -5.03
N ARG A 120 1.60 -9.25 -5.24
CA ARG A 120 2.98 -9.57 -4.91
C ARG A 120 3.60 -8.40 -4.15
N VAL A 121 4.16 -8.69 -2.98
CA VAL A 121 4.94 -7.72 -2.24
C VAL A 121 6.25 -8.38 -1.86
N GLU A 122 7.35 -7.83 -2.34
CA GLU A 122 8.64 -8.48 -2.17
C GLU A 122 9.68 -7.55 -1.58
N VAL A 123 10.31 -7.99 -0.51
CA VAL A 123 11.44 -7.28 0.08
C VAL A 123 12.70 -7.72 -0.65
N GLU A 124 13.25 -6.81 -1.45
CA GLU A 124 14.36 -7.13 -2.32
C GLU A 124 15.67 -6.76 -1.63
N ASN A 125 16.80 -7.15 -2.22
CA ASN A 125 18.09 -6.78 -1.67
C ASN A 125 18.48 -5.38 -2.12
N GLU A 126 19.74 -5.00 -1.88
CA GLU A 126 20.17 -3.63 -2.10
C GLU A 126 20.16 -3.22 -3.57
N ASP A 127 20.14 -4.21 -4.47
CA ASP A 127 20.05 -3.94 -5.91
C ASP A 127 18.62 -4.14 -6.41
N CYS A 128 17.69 -4.29 -5.47
CA CYS A 128 16.29 -4.54 -5.79
C CYS A 128 16.12 -5.79 -6.65
N LEU A 129 16.81 -6.87 -6.27
CA LEU A 129 16.65 -8.17 -6.90
C LEU A 129 16.27 -9.18 -5.84
N ASN A 130 15.62 -10.27 -6.24
CA ASN A 130 15.19 -11.30 -5.29
C ASN A 130 16.13 -12.49 -5.21
N HIS A 131 17.27 -12.40 -5.88
CA HIS A 131 18.35 -13.35 -5.66
C HIS A 131 19.69 -12.61 -5.58
N GLU A 132 20.64 -13.23 -4.90
CA GLU A 132 21.97 -12.68 -4.72
C GLU A 132 22.68 -12.40 -6.04
N ASP A 133 22.36 -13.22 -7.04
CA ASP A 133 22.95 -13.15 -8.37
C ASP A 133 21.83 -12.92 -9.37
N TRP A 134 21.92 -11.84 -10.15
CA TRP A 134 20.83 -11.48 -11.06
C TRP A 134 20.50 -12.60 -12.03
N ARG A 135 21.47 -13.46 -12.30
CA ARG A 135 21.28 -14.54 -13.27
C ARG A 135 20.35 -15.63 -12.75
N ARG A 136 20.03 -15.58 -11.46
CA ARG A 136 19.02 -16.49 -10.88
C ARG A 136 17.80 -15.72 -10.40
N ALA A 137 17.78 -14.42 -10.63
CA ALA A 137 16.67 -13.59 -10.18
C ALA A 137 15.51 -13.68 -11.17
N ARG A 138 14.30 -13.48 -10.67
CA ARG A 138 13.11 -13.49 -11.51
C ARG A 138 12.21 -12.31 -11.16
N ALA A 139 11.09 -12.18 -11.86
CA ALA A 139 10.11 -11.15 -11.55
C ALA A 139 9.78 -11.21 -10.07
N TRP A 140 9.47 -12.41 -9.59
CA TRP A 140 9.17 -12.64 -8.18
C TRP A 140 9.82 -13.93 -7.71
N GLY A 141 10.14 -13.99 -6.42
CA GLY A 141 10.86 -15.14 -5.87
C GLY A 141 10.07 -15.91 -4.83
N PRO A 142 10.70 -16.94 -4.25
CA PRO A 142 10.08 -17.84 -3.28
C PRO A 142 9.83 -17.20 -1.91
N ARG A 143 10.40 -16.02 -1.66
CA ARG A 143 10.22 -15.33 -0.39
C ARG A 143 9.22 -14.17 -0.52
N CYS A 144 8.56 -14.11 -1.68
CA CYS A 144 7.59 -13.06 -1.95
C CYS A 144 6.38 -13.17 -1.04
N TYR A 145 5.88 -12.02 -0.55
CA TYR A 145 4.62 -11.98 0.18
C TYR A 145 3.45 -12.09 -0.79
N LYS A 146 2.41 -12.80 -0.39
CA LYS A 146 1.22 -12.95 -1.24
C LYS A 146 0.00 -12.32 -0.56
N GLY A 147 -1.09 -12.20 -1.31
CA GLY A 147 -2.30 -11.57 -0.81
C GLY A 147 -2.85 -12.20 0.45
N SER A 148 -2.75 -13.51 0.56
CA SER A 148 -3.33 -14.24 1.69
C SER A 148 -2.49 -14.05 2.95
N GLN A 149 -1.35 -13.38 2.80
CA GLN A 149 -0.45 -13.14 3.92
C GLN A 149 -0.71 -11.76 4.52
N MET A 150 -1.50 -10.96 3.82
CA MET A 150 -1.92 -9.66 4.33
C MET A 150 -3.13 -9.86 5.23
N MET A 151 -3.09 -9.24 6.41
CA MET A 151 -4.15 -9.42 7.39
C MET A 151 -5.44 -8.76 6.89
N LYS A 152 -6.51 -9.56 6.85
CA LYS A 152 -7.78 -9.12 6.29
C LYS A 152 -8.53 -8.23 7.27
N CYS A 153 -8.85 -7.02 6.83
CA CYS A 153 -9.60 -6.08 7.64
C CYS A 153 -11.06 -6.08 7.22
N SER A 154 -11.30 -6.35 5.94
CA SER A 154 -12.65 -6.41 5.40
C SER A 154 -12.58 -6.95 3.97
N ALA A 155 -13.73 -6.93 3.30
CA ALA A 155 -13.79 -7.33 1.90
C ALA A 155 -13.07 -6.31 1.02
N LEU A 156 -12.84 -5.11 1.54
CA LEU A 156 -12.23 -4.03 0.77
C LEU A 156 -10.74 -3.84 1.02
N GLY A 157 -10.24 -4.28 2.17
CA GLY A 157 -8.89 -3.93 2.56
C GLY A 157 -8.14 -4.97 3.35
N ARG A 158 -6.84 -5.06 3.08
CA ARG A 158 -5.94 -5.93 3.84
C ARG A 158 -4.69 -5.15 4.21
N PHE A 159 -4.00 -5.61 5.25
CA PHE A 159 -2.93 -4.85 5.89
C PHE A 159 -1.73 -5.76 6.16
N LEU A 160 -0.54 -5.32 5.77
CA LEU A 160 0.66 -6.15 5.93
C LEU A 160 1.74 -5.42 6.72
N TYR A 161 2.35 -6.13 7.67
CA TYR A 161 3.48 -5.61 8.43
C TYR A 161 4.77 -6.31 8.00
N ILE A 162 5.80 -5.53 7.73
CA ILE A 162 7.09 -6.08 7.34
C ILE A 162 8.20 -5.51 8.23
N PRO A 163 8.81 -6.36 9.07
CA PRO A 163 9.94 -5.87 9.84
C PRO A 163 11.19 -5.76 8.97
N LEU A 164 11.94 -4.67 9.12
CA LEU A 164 13.23 -4.55 8.47
C LEU A 164 14.33 -4.69 9.52
N ARG A 165 14.97 -5.85 9.54
CA ARG A 165 15.98 -6.16 10.54
C ARG A 165 17.37 -5.83 10.04
N CYS A 166 17.44 -5.42 8.78
CA CYS A 166 18.70 -5.08 8.15
C CYS A 166 18.51 -3.72 7.50
N GLN A 167 19.56 -3.17 6.90
CA GLN A 167 19.44 -1.90 6.19
C GLN A 167 19.96 -2.00 4.75
N ASN A 168 19.82 -3.18 4.16
CA ASN A 168 20.25 -3.39 2.77
C ASN A 168 19.07 -3.67 1.85
N GLU A 169 17.87 -3.65 2.39
CA GLU A 169 16.70 -4.09 1.64
C GLU A 169 15.91 -2.96 0.98
N SER A 170 15.21 -3.32 -0.09
CA SER A 170 14.35 -2.39 -0.82
C SER A 170 13.01 -3.07 -1.05
N LEU A 171 12.19 -2.53 -1.96
CA LEU A 171 10.81 -3.00 -2.07
C LEU A 171 10.28 -2.97 -3.50
N LYS A 172 9.56 -4.03 -3.87
CA LYS A 172 8.87 -4.09 -5.16
C LYS A 172 7.48 -4.68 -4.91
N PHE A 173 6.46 -4.13 -5.57
CA PHE A 173 5.09 -4.56 -5.28
C PHE A 173 4.16 -4.49 -6.50
N LYS A 174 3.08 -5.26 -6.41
CA LYS A 174 2.06 -5.30 -7.46
C LYS A 174 0.69 -5.56 -6.84
N PHE A 175 -0.25 -4.65 -7.05
CA PHE A 175 -1.62 -4.82 -6.58
C PHE A 175 -2.59 -4.64 -7.74
N PRO A 176 -2.98 -5.74 -8.39
CA PRO A 176 -3.81 -5.68 -9.60
C PRO A 176 -5.31 -5.79 -9.33
N SER A 177 -6.11 -5.15 -10.18
CA SER A 177 -7.56 -5.18 -10.05
C SER A 177 -8.13 -6.57 -10.34
N ARG A 178 -9.26 -6.87 -9.73
CA ARG A 178 -10.07 -8.01 -10.18
C ARG A 178 -10.76 -7.62 -11.46
N MET A 179 -11.02 -8.61 -12.32
CA MET A 179 -11.84 -8.39 -13.50
C MET A 179 -13.30 -8.55 -13.16
N SER A 180 -14.17 -8.16 -14.10
CA SER A 180 -15.60 -8.40 -13.97
C SER A 180 -15.87 -9.84 -14.38
N GLY A 181 -16.08 -10.72 -13.40
CA GLY A 181 -16.26 -12.13 -13.67
C GLY A 181 -15.09 -12.67 -14.49
N GLY A 182 -15.42 -13.35 -15.58
CA GLY A 182 -14.41 -13.94 -16.44
C GLY A 182 -14.05 -13.08 -17.65
N ASP A 183 -14.31 -11.78 -17.57
CA ASP A 183 -13.96 -10.88 -18.66
C ASP A 183 -12.55 -10.33 -18.47
N ASN A 184 -11.59 -10.94 -19.14
CA ASN A 184 -10.21 -10.46 -19.10
C ASN A 184 -10.07 -9.21 -19.94
N ARG A 185 -9.87 -8.07 -19.29
CA ARG A 185 -9.75 -6.80 -20.00
C ARG A 185 -8.39 -6.63 -20.66
N TYR A 186 -7.54 -7.64 -20.53
CA TYR A 186 -6.30 -7.69 -21.29
C TYR A 186 -6.55 -8.39 -22.62
N SER A 187 -7.81 -8.63 -22.91
CA SER A 187 -8.26 -9.04 -24.23
C SER A 187 -8.14 -7.86 -25.18
N SER A 188 -8.19 -8.13 -26.48
CA SER A 188 -7.99 -7.10 -27.49
C SER A 188 -9.07 -6.01 -27.47
N HIS A 189 -10.25 -6.35 -26.97
CA HIS A 189 -11.36 -5.39 -26.91
C HIS A 189 -11.09 -4.27 -25.91
N SER A 190 -10.40 -4.60 -24.84
CA SER A 190 -10.39 -3.75 -23.65
C SER A 190 -9.01 -3.26 -23.24
N ILE A 191 -7.96 -3.87 -23.78
CA ILE A 191 -6.62 -3.68 -23.26
C ILE A 191 -6.06 -2.28 -23.50
N GLY A 192 -6.36 -1.69 -24.65
CA GLY A 192 -5.92 -0.34 -24.94
C GLY A 192 -6.33 0.62 -23.82
N GLN A 193 -7.58 0.51 -23.41
CA GLN A 193 -8.11 1.36 -22.36
C GLN A 193 -7.44 1.09 -21.01
N VAL A 194 -7.21 -0.18 -20.70
CA VAL A 194 -6.55 -0.54 -19.46
C VAL A 194 -5.16 0.09 -19.39
N ILE A 195 -4.39 -0.06 -20.46
CA ILE A 195 -3.03 0.45 -20.51
C ILE A 195 -2.98 1.97 -20.38
N GLN A 196 -3.82 2.66 -21.14
CA GLN A 196 -3.79 4.12 -21.18
C GLN A 196 -4.44 4.74 -19.95
N ASN A 197 -5.32 4.00 -19.29
CA ASN A 197 -5.97 4.50 -18.08
C ASN A 197 -5.13 4.30 -16.82
N ASN A 198 -4.20 3.35 -16.87
CA ASN A 198 -3.44 3.04 -15.67
C ASN A 198 -2.30 4.03 -15.45
N ILE A 199 -2.67 5.20 -14.97
CA ILE A 199 -1.71 6.21 -14.54
C ILE A 199 -1.54 6.05 -13.04
N ILE A 200 -0.45 5.39 -12.64
CA ILE A 200 -0.21 5.06 -11.24
C ILE A 200 0.28 6.31 -10.51
N ILE A 201 -0.60 6.90 -9.70
CA ILE A 201 -0.26 8.09 -8.95
C ILE A 201 0.61 7.76 -7.75
N ARG A 202 1.79 8.36 -7.68
CA ARG A 202 2.62 8.31 -6.48
C ARG A 202 2.60 9.70 -5.86
N ASN A 203 1.75 9.88 -4.86
CA ASN A 203 1.67 11.16 -4.17
C ASN A 203 2.94 11.39 -3.37
N ASN A 204 3.29 12.65 -3.14
CA ASN A 204 4.50 12.98 -2.40
C ASN A 204 4.45 12.36 -1.01
N PRO A 205 5.60 11.84 -0.53
CA PRO A 205 5.58 11.23 0.80
C PRO A 205 5.11 12.21 1.88
N LEU A 206 4.28 11.73 2.79
CA LEU A 206 3.82 12.54 3.92
C LEU A 206 4.55 12.13 5.18
N TYR A 207 4.80 13.10 6.05
CA TYR A 207 5.47 12.84 7.32
C TYR A 207 4.50 13.00 8.48
N LEU A 208 4.30 11.90 9.20
CA LEU A 208 3.36 11.88 10.33
C LEU A 208 4.13 11.58 11.62
N ASP A 209 3.96 12.45 12.62
CA ASP A 209 4.78 12.40 13.82
C ASP A 209 4.60 11.13 14.65
N ASN A 210 3.35 10.69 14.81
CA ASN A 210 3.04 9.61 15.75
C ASN A 210 1.87 8.77 15.26
N GLU A 211 1.57 7.69 15.98
CA GLU A 211 0.57 6.75 15.52
C GLU A 211 -0.86 7.30 15.65
N GLY A 212 -1.06 8.23 16.56
CA GLY A 212 -2.36 8.87 16.71
C GLY A 212 -2.71 9.64 15.45
N ASP A 213 -1.74 10.42 14.96
CA ASP A 213 -1.92 11.18 13.74
C ASP A 213 -2.11 10.24 12.53
N LEU A 214 -1.43 9.11 12.58
CA LEU A 214 -1.53 8.12 11.49
C LEU A 214 -2.90 7.47 11.46
N ILE A 215 -3.39 7.04 12.63
CA ILE A 215 -4.72 6.44 12.71
C ILE A 215 -5.75 7.43 12.17
N ASP A 216 -5.60 8.69 12.56
CA ASP A 216 -6.49 9.75 12.10
C ASP A 216 -6.49 9.85 10.57
N TYR A 217 -5.31 9.80 9.97
CA TYR A 217 -5.18 9.86 8.51
C TYR A 217 -5.87 8.68 7.84
N MET A 218 -5.60 7.48 8.33
CA MET A 218 -6.15 6.27 7.73
C MET A 218 -7.68 6.28 7.83
N GLN A 219 -8.20 6.75 8.95
CA GLN A 219 -9.64 6.84 9.14
C GLN A 219 -10.25 7.96 8.29
N ALA A 220 -9.51 9.05 8.10
CA ALA A 220 -9.97 10.14 7.24
C ALA A 220 -10.04 9.71 5.77
N LYS A 221 -9.04 8.95 5.32
CA LYS A 221 -8.96 8.52 3.93
C LYS A 221 -9.65 7.17 3.74
N ASN A 222 -10.13 6.59 4.83
CA ASN A 222 -10.79 5.29 4.79
C ASN A 222 -9.92 4.22 4.13
N LEU A 223 -8.68 4.13 4.61
CA LEU A 223 -7.77 3.07 4.23
C LEU A 223 -7.60 2.19 5.46
N CYS A 224 -7.57 0.87 5.28
CA CYS A 224 -7.57 -0.01 6.44
C CYS A 224 -6.26 0.13 7.21
N TYR A 225 -6.36 0.00 8.54
CA TYR A 225 -5.20 0.14 9.40
C TYR A 225 -5.34 -0.71 10.64
N ILE A 226 -4.27 -1.40 10.98
CA ILE A 226 -4.19 -2.15 12.23
C ILE A 226 -3.08 -1.52 13.06
N ASP A 227 -3.40 -1.07 14.27
CA ASP A 227 -2.44 -0.31 15.05
C ASP A 227 -1.41 -1.21 15.72
N SER A 228 -0.48 -0.58 16.44
CA SER A 228 0.64 -1.29 17.05
C SER A 228 0.21 -2.32 18.08
N ALA A 229 -1.03 -2.22 18.53
CA ALA A 229 -1.57 -3.18 19.50
C ALA A 229 -2.39 -4.26 18.78
N ALA A 230 -2.28 -4.29 17.46
CA ALA A 230 -2.96 -5.29 16.63
C ALA A 230 -4.48 -5.11 16.60
N VAL A 231 -4.94 -3.89 16.87
CA VAL A 231 -6.37 -3.60 16.79
C VAL A 231 -6.71 -2.96 15.45
N VAL A 232 -7.75 -3.48 14.80
CA VAL A 232 -8.23 -2.90 13.55
C VAL A 232 -8.98 -1.61 13.84
N ASP A 233 -8.40 -0.49 13.46
CA ASP A 233 -9.00 0.82 13.74
C ASP A 233 -9.78 1.34 12.53
N CYS A 234 -9.40 0.87 11.34
CA CYS A 234 -10.09 1.22 10.12
C CYS A 234 -10.08 0.04 9.17
N ASN A 235 -11.21 -0.24 8.52
CA ASN A 235 -11.32 -1.40 7.66
C ASN A 235 -11.84 -1.09 6.26
N GLY A 236 -11.94 0.19 5.92
CA GLY A 236 -12.33 0.62 4.59
C GLY A 236 -13.83 0.60 4.35
N LEU A 237 -14.58 0.05 5.30
CA LEU A 237 -16.02 -0.10 5.15
C LEU A 237 -16.78 1.14 5.59
N ALA A 238 -18.09 1.13 5.36
CA ALA A 238 -18.94 2.26 5.72
C ALA A 238 -19.32 2.21 7.19
N GLY A 239 -19.55 3.38 7.77
CA GLY A 239 -20.08 3.46 9.12
C GLY A 239 -21.46 2.85 9.18
N ASP A 240 -21.85 2.36 10.35
CA ASP A 240 -23.18 1.80 10.53
C ASP A 240 -23.51 1.74 12.02
N SER A 241 -24.80 1.58 12.34
CA SER A 241 -25.20 1.28 13.70
C SER A 241 -25.38 -0.23 13.80
N GLU A 242 -25.58 -0.72 15.02
CA GLU A 242 -25.81 -2.15 15.22
C GLU A 242 -27.00 -2.61 14.41
N CYS A 243 -26.92 -3.81 13.85
CA CYS A 243 -28.00 -4.36 13.05
C CYS A 243 -29.17 -4.77 13.95
#